data_3EHG
#
_entry.id   3EHG
#
_cell.length_a   40.379
_cell.length_b   49.078
_cell.length_c   81.436
_cell.angle_alpha   90.00
_cell.angle_beta   90.00
_cell.angle_gamma   90.00
#
_symmetry.space_group_name_H-M   'P 21 21 21'
#
loop_
_entity.id
_entity.type
_entity.pdbx_description
1 polymer 'Sensor kinase (YocF protein)'
2 non-polymer "ADENOSINE-5'-TRIPHOSPHATE"
3 non-polymer 'MAGNESIUM ION'
4 non-polymer 'IODIDE ION'
5 water water
#
_entity_poly.entity_id   1
_entity_poly.type   'polypeptide(L)'
_entity_poly.pdbx_seq_one_letter_code
;GIRLKDELINIKQILEAADIMFIYEEEKWPENISLLNENILSMCLKEAVTNVVKHSQAKTCRVDIQQLWKEVVITVSDDG
TFKGEENSFSKGHGLLGMRERLEFANGSLHIDTENGTKLTMAIPNNSK
;
_entity_poly.pdbx_strand_id   A
#
# COMPACT_ATOMS: atom_id res chain seq x y z
N GLY A 1 13.89 -0.13 -6.62
CA GLY A 1 15.25 0.01 -6.08
C GLY A 1 15.19 0.71 -4.74
N ILE A 2 14.02 0.73 -4.12
CA ILE A 2 13.84 1.36 -2.81
C ILE A 2 13.61 0.28 -1.74
N ARG A 3 14.39 0.40 -0.65
CA ARG A 3 14.19 -0.46 0.50
C ARG A 3 12.85 -0.05 1.12
N LEU A 4 12.11 -1.03 1.62
CA LEU A 4 10.82 -0.77 2.23
C LEU A 4 10.90 0.15 3.49
N LYS A 5 11.96 0.03 4.29
CA LYS A 5 12.15 0.97 5.42
C LYS A 5 12.33 2.42 4.95
N ASP A 6 12.98 2.60 3.79
CA ASP A 6 13.13 3.93 3.20
C ASP A 6 11.87 4.46 2.58
N GLU A 7 11.04 3.59 1.99
CA GLU A 7 9.80 4.01 1.44
C GLU A 7 8.84 4.45 2.56
N LEU A 8 8.93 3.77 3.72
CA LEU A 8 8.13 4.16 4.88
CA LEU A 8 8.11 4.13 4.88
C LEU A 8 8.37 5.59 5.29
N ILE A 9 9.63 6.00 5.26
CA ILE A 9 10.01 7.37 5.57
C ILE A 9 9.42 8.33 4.50
N ASN A 10 9.49 7.95 3.23
CA ASN A 10 8.92 8.78 2.14
C ASN A 10 7.41 8.99 2.32
N ILE A 11 6.69 7.94 2.66
CA ILE A 11 5.28 8.09 2.81
C ILE A 11 4.86 8.88 4.07
N LYS A 12 5.62 8.79 5.15
CA LYS A 12 5.40 9.66 6.30
C LYS A 12 5.51 11.14 5.91
N GLN A 13 6.52 11.50 5.14
CA GLN A 13 6.77 12.86 4.68
C GLN A 13 5.61 13.34 3.78
N ILE A 14 5.16 12.46 2.87
CA ILE A 14 4.13 12.79 1.88
C ILE A 14 2.79 12.97 2.55
N LEU A 15 2.45 12.09 3.49
CA LEU A 15 1.19 12.19 4.24
C LEU A 15 1.15 13.44 5.16
N GLU A 16 2.24 13.69 5.88
CA GLU A 16 2.34 14.90 6.70
C GLU A 16 2.19 16.17 5.85
N ALA A 17 2.85 16.18 4.72
CA ALA A 17 2.82 17.38 3.82
C ALA A 17 1.37 17.60 3.32
N ALA A 18 0.61 16.52 3.21
CA ALA A 18 -0.79 16.56 2.75
C ALA A 18 -1.82 16.74 3.92
N ASP A 19 -1.34 16.97 5.16
CA ASP A 19 -2.21 17.04 6.32
C ASP A 19 -3.14 15.82 6.52
N ILE A 20 -2.57 14.65 6.28
CA ILE A 20 -3.21 13.37 6.56
C ILE A 20 -2.42 12.63 7.69
N MET A 21 -3.12 12.29 8.78
CA MET A 21 -2.50 11.62 9.90
CA MET A 21 -2.48 11.63 9.90
C MET A 21 -2.07 10.23 9.45
N PHE A 22 -0.86 9.86 9.80
CA PHE A 22 -0.27 8.58 9.43
C PHE A 22 -0.18 7.72 10.69
N ILE A 23 -0.80 6.54 10.60
CA ILE A 23 -0.89 5.61 11.69
C ILE A 23 -0.13 4.34 11.25
N TYR A 24 0.98 4.08 11.92
CA TYR A 24 1.85 2.93 11.65
C TYR A 24 2.54 2.52 12.95
N GLU A 25 2.57 1.22 13.27
CA GLU A 25 3.39 0.69 14.39
C GLU A 25 4.02 -0.61 13.93
N GLU A 26 5.34 -0.74 14.05
CA GLU A 26 6.02 -1.92 13.53
C GLU A 26 5.53 -3.20 14.24
N GLU A 27 5.12 -4.20 13.47
CA GLU A 27 4.63 -5.49 14.00
C GLU A 27 4.93 -6.54 12.95
N LYS A 28 5.54 -7.65 13.37
CA LYS A 28 5.84 -8.77 12.50
C LYS A 28 6.61 -8.33 11.24
N TRP A 29 7.58 -7.42 11.43
CA TRP A 29 8.41 -7.02 10.28
C TRP A 29 9.06 -8.24 9.60
N PRO A 30 8.95 -8.34 8.25
CA PRO A 30 9.56 -9.47 7.54
C PRO A 30 11.05 -9.73 7.89
N GLU A 31 11.39 -10.92 8.31
CA GLU A 31 12.78 -11.23 8.72
C GLU A 31 13.68 -11.44 7.50
N ASN A 32 13.08 -11.91 6.40
CA ASN A 32 13.82 -12.07 5.16
C ASN A 32 12.82 -11.98 4.02
N ILE A 33 13.10 -11.10 3.08
CA ILE A 33 12.26 -11.00 1.88
C ILE A 33 13.31 -10.78 0.81
N SER A 34 13.07 -11.28 -0.38
CA SER A 34 14.04 -11.11 -1.45
C SER A 34 14.09 -9.64 -1.77
N LEU A 35 15.21 -9.19 -2.26
CA LEU A 35 15.37 -7.78 -2.59
C LEU A 35 14.41 -7.48 -3.73
N LEU A 36 14.24 -8.40 -4.66
CA LEU A 36 13.14 -8.16 -5.68
C LEU A 36 11.75 -7.87 -5.08
N ASN A 37 11.28 -8.77 -4.22
CA ASN A 37 9.93 -8.70 -3.70
C ASN A 37 9.79 -7.49 -2.78
N GLU A 38 10.88 -7.16 -2.11
CA GLU A 38 10.93 -5.95 -1.27
C GLU A 38 10.74 -4.68 -2.13
N ASN A 39 11.47 -4.61 -3.23
CA ASN A 39 11.39 -3.50 -4.13
C ASN A 39 10.01 -3.40 -4.81
N ILE A 40 9.37 -4.53 -5.12
CA ILE A 40 8.01 -4.51 -5.69
C ILE A 40 7.03 -3.88 -4.67
N LEU A 41 7.14 -4.33 -3.44
CA LEU A 41 6.34 -3.79 -2.36
C LEU A 41 6.54 -2.31 -2.07
N SER A 42 7.78 -1.83 -2.17
CA SER A 42 8.07 -0.38 -2.06
C SER A 42 7.34 0.42 -3.08
N MET A 43 7.40 -0.07 -4.30
CA MET A 43 6.69 0.58 -5.43
C MET A 43 5.19 0.62 -5.22
N CYS A 44 4.62 -0.51 -4.75
CA CYS A 44 3.19 -0.59 -4.52
C CYS A 44 2.78 0.27 -3.33
N LEU A 45 3.62 0.30 -2.28
CA LEU A 45 3.33 1.13 -1.12
C LEU A 45 3.30 2.61 -1.55
N LYS A 46 4.28 3.03 -2.36
CA LYS A 46 4.32 4.40 -2.84
C LYS A 46 3.05 4.77 -3.60
N GLU A 47 2.66 3.89 -4.52
CA GLU A 47 1.45 4.16 -5.33
C GLU A 47 0.15 4.19 -4.50
N ALA A 48 0.04 3.28 -3.53
CA ALA A 48 -1.17 3.23 -2.64
C ALA A 48 -1.29 4.60 -1.96
N VAL A 49 -0.19 5.10 -1.47
CA VAL A 49 -0.18 6.41 -0.74
C VAL A 49 -0.34 7.61 -1.71
N THR A 50 0.26 7.58 -2.90
CA THR A 50 0.00 8.58 -3.97
C THR A 50 -1.51 8.67 -4.18
N ASN A 51 -2.18 7.49 -4.22
CA ASN A 51 -3.60 7.49 -4.50
C ASN A 51 -4.39 8.13 -3.33
N VAL A 52 -3.98 7.83 -2.10
CA VAL A 52 -4.61 8.43 -0.93
C VAL A 52 -4.50 9.96 -1.08
N VAL A 53 -3.26 10.43 -1.34
CA VAL A 53 -3.06 11.90 -1.39
C VAL A 53 -3.84 12.58 -2.52
N LYS A 54 -3.89 11.98 -3.69
CA LYS A 54 -4.43 12.59 -4.93
C LYS A 54 -5.92 12.51 -4.96
N HIS A 55 -6.51 11.45 -4.36
CA HIS A 55 -7.93 11.19 -4.56
C HIS A 55 -8.85 11.15 -3.31
N SER A 56 -8.35 10.77 -2.16
CA SER A 56 -9.24 10.27 -1.10
C SER A 56 -10.01 11.37 -0.35
N GLN A 57 -9.38 12.53 -0.21
CA GLN A 57 -9.76 13.57 0.79
C GLN A 57 -9.77 13.05 2.25
N ALA A 58 -8.95 12.03 2.52
CA ALA A 58 -8.82 11.41 3.84
C ALA A 58 -8.25 12.40 4.86
N LYS A 59 -8.58 12.21 6.14
CA LYS A 59 -7.88 12.85 7.24
C LYS A 59 -6.87 11.90 7.93
N THR A 60 -7.02 10.58 7.71
CA THR A 60 -6.21 9.51 8.32
C THR A 60 -5.81 8.46 7.28
N CYS A 61 -4.58 7.92 7.40
CA CYS A 61 -4.10 6.79 6.58
C CYS A 61 -3.37 5.83 7.51
N ARG A 62 -3.83 4.58 7.54
N ARG A 62 -3.84 4.58 7.54
CA ARG A 62 -3.23 3.55 8.35
CA ARG A 62 -3.23 3.53 8.34
C ARG A 62 -2.48 2.57 7.44
C ARG A 62 -2.45 2.61 7.39
N VAL A 63 -1.22 2.30 7.77
CA VAL A 63 -0.41 1.32 7.02
C VAL A 63 0.07 0.20 7.93
N ASP A 64 -0.10 -1.04 7.47
CA ASP A 64 0.40 -2.19 8.19
CA ASP A 64 0.35 -2.24 8.17
C ASP A 64 1.29 -2.96 7.24
N ILE A 65 2.41 -3.45 7.75
CA ILE A 65 3.35 -4.22 6.96
C ILE A 65 3.79 -5.42 7.83
N GLN A 66 3.34 -6.62 7.44
CA GLN A 66 3.51 -7.79 8.30
C GLN A 66 3.88 -9.03 7.51
N GLN A 67 4.81 -9.81 8.03
N GLN A 67 4.83 -9.82 8.01
CA GLN A 67 5.02 -11.18 7.59
CA GLN A 67 5.00 -11.20 7.54
C GLN A 67 3.92 -12.05 8.19
C GLN A 67 3.95 -12.11 8.18
N LEU A 68 3.12 -12.69 7.33
CA LEU A 68 2.02 -13.56 7.77
C LEU A 68 2.05 -14.81 6.94
N TRP A 69 2.38 -15.90 7.60
CA TRP A 69 2.44 -17.25 7.03
C TRP A 69 3.49 -17.18 5.90
N LYS A 70 3.15 -17.45 4.64
CA LYS A 70 4.18 -17.40 3.60
C LYS A 70 4.15 -16.14 2.71
N GLU A 71 3.54 -15.08 3.21
CA GLU A 71 3.42 -13.82 2.49
C GLU A 71 3.94 -12.65 3.32
N VAL A 72 4.40 -11.62 2.64
CA VAL A 72 4.41 -10.30 3.24
C VAL A 72 3.14 -9.62 2.79
N VAL A 73 2.37 -9.14 3.76
CA VAL A 73 1.11 -8.44 3.50
C VAL A 73 1.22 -6.93 3.85
N ILE A 74 0.89 -6.06 2.90
CA ILE A 74 0.81 -4.62 3.20
C ILE A 74 -0.62 -4.16 3.06
N THR A 75 -1.14 -3.48 4.07
CA THR A 75 -2.49 -2.89 3.92
C THR A 75 -2.31 -1.37 4.03
N VAL A 76 -3.01 -0.68 3.16
CA VAL A 76 -3.07 0.81 3.22
C VAL A 76 -4.56 1.14 3.22
N SER A 77 -4.99 1.78 4.31
CA SER A 77 -6.38 2.19 4.45
CA SER A 77 -6.37 2.16 4.53
C SER A 77 -6.43 3.69 4.66
N ASP A 78 -7.51 4.28 4.17
CA ASP A 78 -7.78 5.65 4.46
C ASP A 78 -9.27 5.87 4.69
N ASP A 79 -9.60 6.99 5.34
CA ASP A 79 -10.92 7.30 5.76
C ASP A 79 -11.56 8.38 4.90
N GLY A 80 -11.12 8.47 3.66
CA GLY A 80 -11.78 9.38 2.71
C GLY A 80 -12.90 8.70 1.97
N THR A 81 -13.15 9.11 0.74
CA THR A 81 -14.17 8.45 -0.06
C THR A 81 -13.59 8.03 -1.40
N PHE A 82 -13.92 6.80 -1.80
CA PHE A 82 -13.42 6.25 -3.04
C PHE A 82 -14.05 6.96 -4.23
N LYS A 83 -13.22 7.30 -5.21
CA LYS A 83 -13.68 8.14 -6.32
C LYS A 83 -13.80 7.40 -7.66
N GLY A 84 -13.50 6.14 -7.68
CA GLY A 84 -13.43 5.39 -8.91
C GLY A 84 -14.74 4.80 -9.32
N GLU A 85 -14.79 4.33 -10.55
CA GLU A 85 -15.99 3.71 -11.11
C GLU A 85 -16.13 2.28 -10.60
N GLU A 86 -17.27 1.65 -10.94
CA GLU A 86 -17.53 0.29 -10.49
C GLU A 86 -16.32 -0.59 -10.71
N ASN A 87 -15.75 -0.52 -11.91
CA ASN A 87 -14.46 -1.18 -12.19
C ASN A 87 -13.31 -0.19 -12.37
N SER A 88 -12.49 -0.04 -11.34
CA SER A 88 -11.48 1.03 -11.35
C SER A 88 -10.09 0.56 -11.79
N PHE A 89 -10.01 -0.65 -12.30
CA PHE A 89 -8.75 -1.23 -12.74
C PHE A 89 -8.64 -1.01 -14.25
N SER A 90 -7.96 0.05 -14.66
CA SER A 90 -7.82 0.34 -16.09
C SER A 90 -6.38 0.28 -16.53
N LYS A 91 -6.21 -0.11 -17.79
CA LYS A 91 -4.92 -0.09 -18.46
C LYS A 91 -4.28 1.29 -18.30
N GLY A 92 -2.99 1.26 -17.99
CA GLY A 92 -2.15 2.43 -17.95
C GLY A 92 -2.12 3.13 -16.61
N HIS A 93 -2.78 2.55 -15.59
CA HIS A 93 -2.93 3.23 -14.29
C HIS A 93 -2.54 2.31 -13.17
N GLY A 94 -2.43 2.89 -11.95
CA GLY A 94 -1.76 2.28 -10.84
C GLY A 94 -2.46 1.08 -10.24
N LEU A 95 -3.80 1.09 -10.15
CA LEU A 95 -4.47 -0.10 -9.51
C LEU A 95 -4.22 -1.38 -10.32
N LEU A 96 -4.45 -1.31 -11.61
CA LEU A 96 -4.24 -2.48 -12.47
C LEU A 96 -2.73 -2.76 -12.59
N GLY A 97 -1.93 -1.67 -12.71
CA GLY A 97 -0.47 -1.80 -12.67
C GLY A 97 0.08 -2.58 -11.50
N MET A 98 -0.35 -2.22 -10.28
CA MET A 98 0.09 -2.88 -9.09
C MET A 98 -0.42 -4.34 -9.10
N ARG A 99 -1.67 -4.55 -9.48
CA ARG A 99 -2.23 -5.91 -9.45
C ARG A 99 -1.45 -6.80 -10.43
N GLU A 100 -1.21 -6.32 -11.63
CA GLU A 100 -0.50 -7.12 -12.64
C GLU A 100 0.93 -7.41 -12.19
N ARG A 101 1.62 -6.40 -11.65
CA ARG A 101 3.01 -6.63 -11.24
C ARG A 101 3.04 -7.59 -10.06
N LEU A 102 2.11 -7.46 -9.10
CA LEU A 102 2.02 -8.41 -7.94
C LEU A 102 1.68 -9.81 -8.38
N GLU A 103 0.72 -9.95 -9.30
CA GLU A 103 0.28 -11.25 -9.72
C GLU A 103 1.37 -11.99 -10.49
N PHE A 104 2.20 -11.24 -11.23
CA PHE A 104 3.31 -11.83 -11.95
C PHE A 104 4.29 -12.46 -10.95
N ALA A 105 4.40 -11.84 -9.77
CA ALA A 105 5.26 -12.31 -8.69
C ALA A 105 4.53 -13.37 -7.81
N ASN A 106 3.37 -13.88 -8.25
CA ASN A 106 2.54 -14.86 -7.51
C ASN A 106 1.99 -14.23 -6.23
N GLY A 107 1.80 -12.91 -6.27
CA GLY A 107 1.11 -12.20 -5.23
C GLY A 107 -0.27 -11.78 -5.68
N SER A 108 -0.82 -10.81 -4.96
CA SER A 108 -2.22 -10.42 -5.09
C SER A 108 -2.44 -8.99 -4.63
N LEU A 109 -3.54 -8.42 -5.13
CA LEU A 109 -4.01 -7.10 -4.73
C LEU A 109 -5.53 -7.20 -4.61
N HIS A 110 -6.05 -6.86 -3.43
CA HIS A 110 -7.47 -6.75 -3.21
C HIS A 110 -7.78 -5.33 -2.71
N ILE A 111 -8.99 -4.93 -2.98
CA ILE A 111 -9.48 -3.60 -2.64
C ILE A 111 -10.84 -3.69 -2.01
N ASP A 112 -11.04 -2.86 -0.98
CA ASP A 112 -12.32 -2.68 -0.37
C ASP A 112 -12.60 -1.15 -0.32
N THR A 113 -13.72 -0.75 -0.88
CA THR A 113 -14.05 0.71 -1.00
C THR A 113 -15.31 1.11 -0.28
N GLU A 114 -15.69 0.32 0.71
CA GLU A 114 -16.80 0.68 1.52
C GLU A 114 -16.44 1.86 2.44
N ASN A 115 -15.66 1.62 3.49
CA ASN A 115 -15.45 2.71 4.50
C ASN A 115 -14.18 3.53 4.22
N GLY A 116 -14.23 4.35 3.17
CA GLY A 116 -13.00 4.84 2.55
C GLY A 116 -12.46 3.81 1.58
N THR A 117 -11.13 3.65 1.53
CA THR A 117 -10.49 2.75 0.58
C THR A 117 -9.44 1.98 1.33
N LYS A 118 -9.46 0.65 1.19
CA LYS A 118 -8.42 -0.18 1.76
C LYS A 118 -7.88 -1.15 0.70
N LEU A 119 -6.56 -1.11 0.55
CA LEU A 119 -5.82 -1.95 -0.38
C LEU A 119 -5.05 -2.97 0.44
N THR A 120 -5.22 -4.23 0.07
CA THR A 120 -4.39 -5.31 0.65
C THR A 120 -3.50 -5.92 -0.40
N MET A 121 -2.19 -5.85 -0.21
CA MET A 121 -1.26 -6.29 -1.27
C MET A 121 -0.41 -7.36 -0.58
N ALA A 122 -0.17 -8.48 -1.25
CA ALA A 122 0.61 -9.59 -0.69
C ALA A 122 1.58 -10.06 -1.75
N ILE A 123 2.73 -10.52 -1.27
CA ILE A 123 3.72 -11.15 -2.16
C ILE A 123 4.35 -12.29 -1.37
N PRO A 124 4.79 -13.34 -2.07
CA PRO A 124 5.47 -14.46 -1.41
C PRO A 124 6.71 -14.08 -0.69
N ASN A 125 6.88 -14.76 0.43
CA ASN A 125 8.09 -14.76 1.19
C ASN A 125 8.20 -15.95 2.18
#